data_6HU6
#
_entry.id   6HU6
#
_cell.length_a   43.803
_cell.length_b   43.803
_cell.length_c   452.087
_cell.angle_alpha   90.00
_cell.angle_beta   90.00
_cell.angle_gamma   120.00
#
_symmetry.space_group_name_H-M   'H 3 2'
#
loop_
_entity.id
_entity.type
_entity.pdbx_description
1 polymer 'RNA (19-MER)'
2 polymer 'RNA (19-MER)'
3 polymer "RNA (5'-R(*GP*AP*GP*UP*GP*CP*CP*AP*GP*A)-3')"
4 polymer "RNA (5'-R(*CP*UP*GP*GP*UP*AP*CP*UP*C)-3')"
5 non-polymer 'AMMONIUM ION'
6 water water
#
loop_
_entity_poly.entity_id
_entity_poly.type
_entity_poly.pdbx_seq_one_letter_code
_entity_poly.pdbx_strand_id
1 'polyribonucleotide' GAGUGCCAGAAGCUGCCUC A
2 'polyribonucleotide' GAGGCAGUUUCUGGUACUC E
3 'polyribonucleotide' GAGUGCCAGA B
4 'polyribonucleotide' CUGGUACUC F
#